data_3TD8
#
_entry.id   3TD8
#
_cell.length_a   36.123
_cell.length_b   42.630
_cell.length_c   59.894
_cell.angle_alpha   90.00
_cell.angle_beta   95.20
_cell.angle_gamma   90.00
#
_symmetry.space_group_name_H-M   'P 1 21 1'
#
loop_
_entity.id
_entity.type
_entity.pdbx_description
1 polymer 'Dihydrofolate reductase'
2 non-polymer 'NADPH DIHYDRO-NICOTINAMIDE-ADENINE-DINUCLEOTIDE PHOSPHATE'
3 non-polymer '6-{2-[(2,4-diamino-5-methylpyrido[2,3-d]pyrimidin-6-yl)methyl]-4-methoxyphenyl}hex-5-ynoic acid'
4 water water
#
_entity_poly.entity_id   1
_entity_poly.type   'polypeptide(L)'
_entity_poly.pdbx_seq_one_letter_code
;MNQQKSLTLIVALTTSYGIGRSNSLPWKLKKEISYFKRVTSFVPTFDSFESMNVVLMGRKTWESIPLQFRPLKGRINVVI
TRNESLDLGNGIHSAKSLDHALELLYRTYGSESSVQINRIFVIGGAQLYKAAMDHPKLDRIMATIIYKDIHCDVFFPLKF
RDKEWSSVWKKEKHSDLESWVGTKVPHGKINEDGFDYEFEMWTRDL
;
_entity_poly.pdbx_strand_id   A
#
loop_
_chem_comp.id
_chem_comp.type
_chem_comp.name
_chem_comp.formula
D2R non-polymer '6-{2-[(2,4-diamino-5-methylpyrido[2,3-d]pyrimidin-6-yl)methyl]-4-methoxyphenyl}hex-5-ynoic acid' 'C22 H23 N5 O3'
NDP non-polymer 'NADPH DIHYDRO-NICOTINAMIDE-ADENINE-DINUCLEOTIDE PHOSPHATE' 'C21 H30 N7 O17 P3'
#
# COMPACT_ATOMS: atom_id res chain seq x y z
N LYS A 5 13.95 5.94 -6.92
CA LYS A 5 12.63 5.36 -7.15
C LYS A 5 11.65 5.80 -6.07
N SER A 6 10.39 6.02 -6.45
CA SER A 6 9.41 6.51 -5.48
C SER A 6 8.79 5.34 -4.74
N LEU A 7 8.30 5.61 -3.54
CA LEU A 7 7.54 4.62 -2.82
C LEU A 7 6.07 5.01 -2.99
N THR A 8 5.19 4.02 -2.94
CA THR A 8 3.75 4.21 -2.89
C THR A 8 3.23 3.50 -1.66
N LEU A 9 2.38 4.17 -0.88
CA LEU A 9 1.72 3.55 0.25
C LEU A 9 0.33 3.12 -0.30
N ILE A 10 -0.15 1.97 0.17
CA ILE A 10 -1.55 1.46 -0.08
C ILE A 10 -2.16 0.99 1.30
N VAL A 11 -3.40 1.45 1.53
CA VAL A 11 -4.09 1.34 2.79
C VAL A 11 -5.62 1.41 2.54
N ALA A 12 -6.39 0.84 3.46
CA ALA A 12 -7.82 0.99 3.46
C ALA A 12 -8.06 1.52 4.86
N LEU A 13 -8.81 2.60 4.99
CA LEU A 13 -8.98 3.24 6.29
C LEU A 13 -10.38 3.88 6.39
N THR A 14 -10.85 4.11 7.61
CA THR A 14 -12.19 4.74 7.70
C THR A 14 -12.04 6.26 7.65
N THR A 15 -13.17 6.97 7.56
CA THR A 15 -13.19 8.44 7.56
C THR A 15 -12.54 8.98 8.83
N SER A 16 -12.46 8.18 9.87
CA SER A 16 -11.67 8.53 11.04
C SER A 16 -10.25 7.96 11.09
N TYR A 17 -9.71 7.57 9.92
CA TYR A 17 -8.33 7.00 9.78
C TYR A 17 -8.10 5.66 10.52
N GLY A 18 -9.20 4.98 10.91
CA GLY A 18 -9.05 3.59 11.46
C GLY A 18 -8.54 2.64 10.36
N ILE A 19 -7.52 1.80 10.68
CA ILE A 19 -7.00 0.81 9.75
C ILE A 19 -7.03 -0.63 10.27
N GLY A 20 -7.32 -0.81 11.55
CA GLY A 20 -7.03 -2.10 12.20
C GLY A 20 -7.74 -2.35 13.52
N ARG A 21 -7.91 -3.62 13.86
CA ARG A 21 -8.61 -3.94 15.11
C ARG A 21 -8.15 -5.33 15.47
N SER A 22 -7.54 -5.51 16.63
CA SER A 22 -7.26 -6.87 17.11
C SER A 22 -6.35 -7.62 16.16
N ASN A 23 -5.25 -6.95 15.73
CA ASN A 23 -4.27 -7.46 14.71
C ASN A 23 -4.84 -7.99 13.40
N SER A 24 -5.98 -7.45 13.01
CA SER A 24 -6.58 -7.79 11.72
C SER A 24 -7.30 -6.55 11.17
N LEU A 25 -7.91 -6.70 10.00
CA LEU A 25 -8.82 -5.70 9.42
C LEU A 25 -10.20 -5.89 10.02
N PRO A 26 -10.82 -4.79 10.51
CA PRO A 26 -12.21 -4.86 11.01
C PRO A 26 -13.33 -4.93 9.92
N TRP A 27 -13.01 -5.36 8.71
CA TRP A 27 -13.97 -5.53 7.63
C TRP A 27 -13.51 -6.66 6.79
N LYS A 28 -14.46 -7.26 6.10
CA LYS A 28 -14.25 -8.42 5.30
C LYS A 28 -14.76 -8.05 3.94
N LEU A 29 -13.93 -7.40 3.14
CA LEU A 29 -14.38 -6.79 1.90
C LEU A 29 -13.68 -7.48 0.76
N LYS A 30 -14.41 -8.25 -0.01
CA LYS A 30 -13.75 -9.17 -0.90
C LYS A 30 -13.28 -8.37 -2.06
N LYS A 31 -14.06 -7.38 -2.46
CA LYS A 31 -13.67 -6.61 -3.61
C LYS A 31 -12.51 -5.62 -3.26
N GLU A 32 -12.43 -5.20 -2.02
CA GLU A 32 -11.30 -4.38 -1.59
C GLU A 32 -9.99 -5.21 -1.57
N ILE A 33 -10.06 -6.42 -1.02
CA ILE A 33 -8.89 -7.36 -1.11
C ILE A 33 -8.38 -7.53 -2.55
N SER A 34 -9.29 -7.64 -3.52
CA SER A 34 -8.88 -7.85 -4.89
C SER A 34 -8.22 -6.66 -5.48
N TYR A 35 -8.69 -5.47 -5.10
CA TYR A 35 -8.04 -4.24 -5.57
C TYR A 35 -6.60 -4.17 -5.05
N PHE A 36 -6.48 -4.46 -3.79
CA PHE A 36 -5.17 -4.49 -3.18
C PHE A 36 -4.27 -5.48 -3.94
N LYS A 37 -4.75 -6.72 -4.18
CA LYS A 37 -3.94 -7.76 -4.84
C LYS A 37 -3.57 -7.25 -6.19
N ARG A 38 -4.54 -6.67 -6.89
CA ARG A 38 -4.34 -6.16 -8.23
C ARG A 38 -3.39 -4.97 -8.30
N VAL A 39 -3.64 -3.89 -7.55
CA VAL A 39 -2.67 -2.75 -7.59
C VAL A 39 -1.20 -3.13 -7.29
N THR A 40 -0.99 -3.94 -6.27
CA THR A 40 0.37 -4.24 -5.80
C THR A 40 1.04 -5.23 -6.74
N SER A 41 0.25 -6.03 -7.46
CA SER A 41 0.80 -7.03 -8.35
C SER A 41 0.48 -6.67 -9.80
N PHE A 42 0.74 -5.44 -10.19
CA PHE A 42 0.55 -4.97 -11.56
C PHE A 42 1.74 -4.27 -12.12
N VAL A 43 2.16 -4.66 -13.31
CA VAL A 43 3.38 -4.19 -13.94
C VAL A 43 3.18 -3.87 -15.42
N PRO A 44 3.55 -2.65 -15.84
CA PRO A 44 3.62 -2.34 -17.28
C PRO A 44 3.86 -3.54 -18.19
N THR A 45 2.85 -3.85 -19.00
CA THR A 45 2.83 -5.02 -19.93
C THR A 45 4.20 -5.38 -20.59
N PHE A 46 4.86 -4.43 -21.26
CA PHE A 46 6.16 -4.67 -21.94
C PHE A 46 7.33 -5.17 -21.04
N ASP A 47 7.28 -4.84 -19.75
CA ASP A 47 8.39 -5.16 -18.84
C ASP A 47 8.22 -6.50 -18.12
N SER A 48 7.05 -7.14 -18.28
CA SER A 48 6.47 -8.12 -17.29
C SER A 48 7.18 -9.49 -17.17
N PHE A 49 8.14 -9.73 -18.06
CA PHE A 49 9.01 -10.89 -17.97
C PHE A 49 9.98 -10.70 -16.83
N GLU A 50 10.61 -9.51 -16.87
CA GLU A 50 11.68 -9.14 -15.97
C GLU A 50 11.01 -8.61 -14.70
N SER A 51 10.09 -7.68 -14.88
CA SER A 51 9.63 -6.78 -13.81
C SER A 51 8.72 -7.39 -12.77
N MET A 52 8.96 -7.00 -11.51
CA MET A 52 8.16 -7.45 -10.40
C MET A 52 8.03 -6.24 -9.45
N ASN A 53 6.89 -6.18 -8.77
CA ASN A 53 6.67 -5.21 -7.69
C ASN A 53 7.16 -5.77 -6.35
N VAL A 54 7.39 -4.85 -5.41
CA VAL A 54 7.86 -5.20 -4.10
C VAL A 54 6.76 -4.77 -3.13
N VAL A 55 6.60 -5.56 -2.08
CA VAL A 55 5.66 -5.17 -1.03
C VAL A 55 6.44 -5.15 0.26
N LEU A 56 6.50 -3.98 0.93
CA LEU A 56 7.22 -3.78 2.17
C LEU A 56 6.17 -3.71 3.24
N MET A 57 6.37 -4.46 4.33
CA MET A 57 5.42 -4.49 5.43
C MET A 57 6.07 -4.60 6.79
N GLY A 58 5.43 -4.09 7.82
CA GLY A 58 5.92 -4.27 9.17
C GLY A 58 5.82 -5.74 9.62
N ARG A 59 6.57 -6.08 10.66
CA ARG A 59 6.50 -7.47 11.18
C ARG A 59 5.09 -7.78 11.68
N LYS A 60 4.41 -6.84 12.33
CA LYS A 60 3.06 -7.13 12.86
C LYS A 60 2.05 -7.46 11.76
N THR A 61 2.05 -6.67 10.68
CA THR A 61 1.28 -6.93 9.47
C THR A 61 1.65 -8.31 8.87
N TRP A 62 2.95 -8.61 8.77
CA TRP A 62 3.40 -9.92 8.28
C TRP A 62 2.74 -11.03 9.05
N GLU A 63 2.72 -10.88 10.36
CA GLU A 63 2.16 -11.93 11.21
C GLU A 63 0.62 -12.06 11.12
N SER A 64 -0.07 -10.92 10.85
CA SER A 64 -1.55 -10.79 10.68
C SER A 64 -2.11 -11.44 9.41
N ILE A 65 -1.30 -11.58 8.39
CA ILE A 65 -1.79 -12.13 7.13
C ILE A 65 -2.07 -13.63 7.35
N PRO A 66 -3.30 -14.11 7.00
CA PRO A 66 -3.56 -15.56 7.13
C PRO A 66 -2.47 -16.34 6.41
N LEU A 67 -2.06 -17.44 7.02
CA LEU A 67 -0.89 -18.16 6.52
C LEU A 67 -1.07 -18.53 5.03
N GLN A 68 -2.30 -18.84 4.64
CA GLN A 68 -2.51 -19.31 3.28
C GLN A 68 -2.09 -18.27 2.26
N PHE A 69 -2.03 -17.00 2.70
CA PHE A 69 -1.64 -15.89 1.81
C PHE A 69 -0.17 -15.41 1.90
N ARG A 70 0.60 -15.91 2.86
CA ARG A 70 2.04 -15.56 3.01
C ARG A 70 3.03 -16.53 2.33
N PRO A 71 4.08 -16.00 1.67
CA PRO A 71 4.24 -14.58 1.30
C PRO A 71 3.20 -14.23 0.26
N LEU A 72 2.97 -12.93 0.07
CA LEU A 72 2.04 -12.47 -0.91
C LEU A 72 2.57 -12.83 -2.29
N LYS A 73 1.82 -13.66 -3.01
CA LYS A 73 2.28 -14.27 -4.28
C LYS A 73 2.53 -13.28 -5.35
N GLY A 74 3.63 -13.51 -6.06
CA GLY A 74 3.89 -12.77 -7.27
C GLY A 74 4.52 -11.41 -6.94
N ARG A 75 4.92 -11.17 -5.70
CA ARG A 75 5.49 -9.89 -5.37
C ARG A 75 6.70 -10.20 -4.53
N ILE A 76 7.71 -9.37 -4.62
CA ILE A 76 8.84 -9.60 -3.75
C ILE A 76 8.39 -9.13 -2.38
N ASN A 77 8.50 -9.99 -1.37
CA ASN A 77 8.09 -9.58 -0.01
C ASN A 77 9.33 -9.23 0.82
N VAL A 78 9.29 -8.07 1.52
CA VAL A 78 10.31 -7.73 2.51
C VAL A 78 9.64 -7.30 3.81
N VAL A 79 9.93 -8.00 4.90
CA VAL A 79 9.45 -7.65 6.20
C VAL A 79 10.47 -6.72 6.90
N ILE A 80 10.02 -5.57 7.35
CA ILE A 80 10.85 -4.62 8.14
C ILE A 80 10.80 -4.92 9.65
N THR A 81 11.96 -5.17 10.23
CA THR A 81 12.03 -5.48 11.68
C THR A 81 13.42 -5.07 12.16
N ARG A 82 13.47 -4.49 13.34
CA ARG A 82 14.69 -4.01 13.88
C ARG A 82 15.44 -5.16 14.42
N ASN A 83 15.00 -6.37 14.19
CA ASN A 83 15.85 -7.39 14.70
C ASN A 83 16.08 -8.57 13.87
N ILE A 92 12.05 -15.36 2.71
CA ILE A 92 11.54 -13.99 2.77
C ILE A 92 12.54 -13.02 3.40
N HIS A 93 12.80 -11.94 2.66
CA HIS A 93 13.66 -10.87 3.09
C HIS A 93 13.18 -10.12 4.27
N SER A 94 14.17 -9.74 5.07
CA SER A 94 14.00 -9.00 6.28
C SER A 94 14.99 -7.84 6.09
N ALA A 95 14.56 -6.63 6.45
CA ALA A 95 15.51 -5.52 6.64
C ALA A 95 15.14 -4.65 7.79
N LYS A 96 16.10 -3.84 8.20
CA LYS A 96 15.97 -3.19 9.49
C LYS A 96 15.36 -1.81 9.37
N SER A 97 15.18 -1.32 8.14
CA SER A 97 14.45 -0.09 7.96
C SER A 97 14.03 -0.01 6.52
N LEU A 98 13.23 1.03 6.18
CA LEU A 98 12.85 1.28 4.77
C LEU A 98 14.08 1.44 3.90
N ASP A 99 15.08 2.23 4.32
CA ASP A 99 16.26 2.39 3.51
C ASP A 99 17.12 1.15 3.42
N HIS A 100 17.26 0.41 4.51
CA HIS A 100 17.92 -0.90 4.39
C HIS A 100 17.26 -1.80 3.41
N ALA A 101 15.93 -1.75 3.36
CA ALA A 101 15.13 -2.57 2.45
C ALA A 101 15.43 -2.15 1.02
N LEU A 102 15.57 -0.84 0.81
CA LEU A 102 15.83 -0.32 -0.51
C LEU A 102 17.24 -0.74 -0.90
N GLU A 103 18.18 -0.66 0.03
CA GLU A 103 19.57 -1.12 -0.35
C GLU A 103 19.65 -2.62 -0.61
N LEU A 104 18.89 -3.39 0.17
CA LEU A 104 18.86 -4.83 -0.04
C LEU A 104 18.32 -5.09 -1.44
N LEU A 105 17.27 -4.35 -1.81
CA LEU A 105 16.58 -4.63 -3.06
C LEU A 105 17.48 -4.35 -4.23
N TYR A 106 18.17 -3.21 -4.22
CA TYR A 106 18.96 -2.79 -5.38
C TYR A 106 20.16 -3.68 -5.55
N ARG A 107 20.75 -4.04 -4.41
CA ARG A 107 21.85 -4.94 -4.36
C ARG A 107 21.44 -6.31 -4.84
N THR A 108 20.37 -6.85 -4.28
CA THR A 108 19.91 -8.20 -4.64
C THR A 108 19.33 -8.29 -6.07
N TYR A 109 18.56 -7.31 -6.50
CA TYR A 109 17.95 -7.40 -7.84
C TYR A 109 18.65 -6.44 -8.78
N GLY A 110 19.99 -6.51 -8.74
CA GLY A 110 20.87 -5.64 -9.53
C GLY A 110 20.82 -6.03 -10.99
N SER A 111 21.28 -5.15 -11.86
CA SER A 111 21.16 -5.40 -13.31
C SER A 111 21.64 -6.83 -13.65
N GLU A 112 22.56 -7.35 -12.83
CA GLU A 112 23.05 -8.74 -12.92
C GLU A 112 21.99 -9.81 -12.60
N SER A 113 20.91 -9.40 -11.94
CA SER A 113 19.76 -10.27 -11.62
C SER A 113 18.79 -10.30 -12.78
N SER A 114 18.03 -11.38 -12.92
CA SER A 114 17.07 -11.48 -14.02
C SER A 114 15.68 -10.95 -13.61
N VAL A 115 15.34 -11.06 -12.33
CA VAL A 115 14.15 -10.36 -11.78
C VAL A 115 14.48 -8.88 -11.60
N GLN A 116 13.60 -7.98 -12.11
CA GLN A 116 13.79 -6.56 -11.99
C GLN A 116 12.67 -5.88 -11.15
N ILE A 117 12.95 -4.69 -10.63
CA ILE A 117 12.03 -4.12 -9.65
C ILE A 117 11.20 -3.06 -10.33
N ASN A 118 9.89 -3.19 -10.22
CA ASN A 118 9.06 -2.20 -10.87
C ASN A 118 8.67 -1.12 -9.82
N ARG A 119 7.58 -1.34 -9.12
CA ARG A 119 7.09 -0.35 -8.16
C ARG A 119 7.30 -0.96 -6.79
N ILE A 120 7.47 -0.13 -5.75
CA ILE A 120 7.70 -0.64 -4.37
C ILE A 120 6.53 -0.07 -3.56
N PHE A 121 5.79 -0.95 -2.90
CA PHE A 121 4.60 -0.53 -2.09
C PHE A 121 4.89 -0.75 -0.64
N VAL A 122 4.44 0.19 0.18
CA VAL A 122 4.44 0.04 1.63
C VAL A 122 3.00 -0.39 1.95
N ILE A 123 2.82 -1.54 2.61
CA ILE A 123 1.44 -2.09 2.71
C ILE A 123 0.98 -2.15 4.14
N GLY A 124 1.79 -1.63 5.06
CA GLY A 124 1.34 -1.48 6.47
C GLY A 124 2.34 -2.10 7.40
N GLY A 125 2.15 -2.01 8.73
CA GLY A 125 1.00 -1.34 9.39
C GLY A 125 1.25 0.12 9.73
N ALA A 126 0.62 0.58 10.80
CA ALA A 126 0.75 2.01 11.20
C ALA A 126 2.19 2.44 11.36
N GLN A 127 3.02 1.67 12.04
CA GLN A 127 4.39 2.07 12.30
C GLN A 127 5.22 2.23 11.01
N LEU A 128 5.10 1.25 10.13
CA LEU A 128 5.71 1.36 8.80
C LEU A 128 5.12 2.47 7.96
N TYR A 129 3.81 2.71 8.04
CA TYR A 129 3.18 3.80 7.41
C TYR A 129 3.81 5.13 7.86
N LYS A 130 4.05 5.24 9.16
CA LYS A 130 4.54 6.49 9.78
C LYS A 130 5.92 6.76 9.20
N ALA A 131 6.75 5.70 9.05
CA ALA A 131 8.11 5.84 8.53
C ALA A 131 8.05 6.19 7.05
N ALA A 132 7.11 5.58 6.33
CA ALA A 132 6.96 5.85 4.90
C ALA A 132 6.49 7.29 4.74
N MET A 133 5.59 7.84 5.58
CA MET A 133 5.21 9.26 5.39
C MET A 133 6.41 10.19 5.69
N ASP A 134 7.33 9.76 6.55
CA ASP A 134 8.56 10.54 6.84
C ASP A 134 9.62 10.47 5.70
N HIS A 135 9.40 9.62 4.72
CA HIS A 135 10.44 9.25 3.75
C HIS A 135 10.31 10.18 2.60
N PRO A 136 11.45 10.71 2.15
CA PRO A 136 11.40 11.76 1.14
C PRO A 136 11.04 11.23 -0.22
N LYS A 137 11.10 9.90 -0.45
CA LYS A 137 10.71 9.31 -1.69
C LYS A 137 9.22 8.87 -1.78
N LEU A 138 8.46 9.07 -0.72
CA LEU A 138 7.10 8.53 -0.71
C LEU A 138 6.32 9.68 -1.41
N ASP A 139 5.60 9.40 -2.49
CA ASP A 139 4.80 10.53 -3.11
C ASP A 139 3.38 10.17 -3.51
N ARG A 140 2.88 9.05 -3.00
CA ARG A 140 1.62 8.51 -3.55
C ARG A 140 1.03 7.60 -2.51
N ILE A 141 -0.27 7.84 -2.24
CA ILE A 141 -1.10 7.07 -1.34
C ILE A 141 -2.32 6.50 -2.15
N MET A 142 -2.49 5.18 -2.12
CA MET A 142 -3.60 4.53 -2.80
C MET A 142 -4.49 4.26 -1.64
N ALA A 143 -5.53 5.06 -1.44
CA ALA A 143 -6.27 4.96 -0.19
C ALA A 143 -7.64 4.41 -0.50
N THR A 144 -8.03 3.39 0.22
CA THR A 144 -9.42 2.98 0.14
C THR A 144 -10.21 3.57 1.32
N ILE A 145 -11.15 4.47 1.02
CA ILE A 145 -11.83 5.25 2.05
C ILE A 145 -13.13 4.50 2.42
N ILE A 146 -13.28 4.16 3.71
CA ILE A 146 -14.44 3.34 4.13
C ILE A 146 -15.36 4.29 4.91
N TYR A 147 -16.55 4.49 4.37
CA TYR A 147 -17.44 5.53 4.89
C TYR A 147 -18.26 4.93 6.00
N LYS A 148 -17.56 4.48 7.04
CA LYS A 148 -18.23 4.04 8.28
C LYS A 148 -17.25 4.24 9.39
N ASP A 149 -17.74 4.50 10.58
CA ASP A 149 -16.86 4.74 11.69
C ASP A 149 -16.57 3.46 12.51
N ILE A 150 -16.11 2.41 11.83
CA ILE A 150 -15.95 1.05 12.41
C ILE A 150 -15.02 1.19 13.58
N HIS A 151 -15.29 0.51 14.70
CA HIS A 151 -14.37 0.64 15.84
C HIS A 151 -13.03 0.08 15.40
N CYS A 152 -11.92 0.79 15.70
CA CYS A 152 -10.57 0.33 15.35
C CYS A 152 -9.66 0.68 16.49
N ASP A 153 -8.54 -0.01 16.59
CA ASP A 153 -7.56 0.25 17.65
C ASP A 153 -6.16 0.54 17.12
N VAL A 154 -6.05 0.68 15.80
CA VAL A 154 -4.81 1.15 15.15
C VAL A 154 -5.27 2.08 14.06
N PHE A 155 -4.55 3.18 13.93
CA PHE A 155 -4.95 4.32 13.12
C PHE A 155 -3.85 4.74 12.13
N PHE A 156 -4.25 5.36 11.01
CA PHE A 156 -3.24 5.80 10.07
C PHE A 156 -2.62 7.09 10.69
N PRO A 157 -1.28 7.20 10.65
CA PRO A 157 -0.64 8.22 11.49
C PRO A 157 -0.71 9.66 11.01
N LEU A 158 -1.09 9.95 9.77
CA LEU A 158 -1.03 11.37 9.36
C LEU A 158 -2.33 11.69 8.62
N LYS A 159 -3.03 12.80 8.92
CA LYS A 159 -4.40 12.94 8.40
C LYS A 159 -4.34 13.61 7.06
N PHE A 160 -3.83 12.85 6.09
CA PHE A 160 -3.51 13.40 4.76
C PHE A 160 -4.74 13.86 3.98
N ARG A 161 -5.97 13.43 4.35
CA ARG A 161 -7.16 13.88 3.62
C ARG A 161 -7.81 15.16 4.26
N ASP A 162 -7.26 15.63 5.37
CA ASP A 162 -7.81 16.75 6.16
C ASP A 162 -7.22 18.09 5.73
N LYS A 163 -7.92 19.13 6.11
CA LYS A 163 -7.57 20.53 5.79
C LYS A 163 -6.06 20.83 6.00
N GLU A 164 -5.51 20.49 7.17
CA GLU A 164 -4.15 20.78 7.53
C GLU A 164 -3.08 20.28 6.54
N TRP A 165 -3.37 19.14 5.88
CA TRP A 165 -2.46 18.58 4.94
C TRP A 165 -2.80 18.86 3.52
N SER A 166 -3.76 19.72 3.26
CA SER A 166 -4.29 19.83 1.85
C SER A 166 -3.35 20.65 0.92
N SER A 167 -2.35 21.40 1.43
CA SER A 167 -1.38 21.99 0.44
C SER A 167 -0.38 20.97 0.00
N VAL A 168 -0.13 19.93 0.82
CA VAL A 168 0.90 18.91 0.54
C VAL A 168 0.29 17.75 -0.25
N TRP A 169 -0.80 17.18 0.26
CA TRP A 169 -1.47 16.08 -0.40
C TRP A 169 -2.73 16.49 -1.17
N LYS A 170 -2.79 16.05 -2.43
CA LYS A 170 -3.90 16.36 -3.34
C LYS A 170 -4.49 15.03 -3.80
N LYS A 171 -5.82 14.98 -3.88
CA LYS A 171 -6.51 13.79 -4.39
C LYS A 171 -6.57 13.91 -5.89
N GLU A 172 -6.20 12.84 -6.56
CA GLU A 172 -6.11 12.93 -8.04
C GLU A 172 -7.41 12.55 -8.69
N LYS A 173 -7.59 12.97 -9.94
CA LYS A 173 -8.75 12.63 -10.76
C LYS A 173 -8.83 11.14 -10.87
N HIS A 174 -10.05 10.61 -10.83
CA HIS A 174 -10.27 9.18 -10.92
C HIS A 174 -9.63 8.52 -12.15
N SER A 175 -9.60 9.25 -13.27
CA SER A 175 -8.99 8.75 -14.48
C SER A 175 -7.48 8.72 -14.30
N ASP A 176 -6.92 9.65 -13.52
CA ASP A 176 -5.49 9.53 -13.16
C ASP A 176 -5.18 8.28 -12.33
N LEU A 177 -6.01 8.01 -11.33
CA LEU A 177 -5.97 6.74 -10.61
C LEU A 177 -5.95 5.53 -11.61
N GLU A 178 -6.95 5.46 -12.49
CA GLU A 178 -7.03 4.31 -13.42
C GLU A 178 -5.81 4.24 -14.35
N SER A 179 -5.28 5.38 -14.76
CA SER A 179 -4.10 5.48 -15.60
C SER A 179 -2.90 4.87 -14.87
N TRP A 180 -2.81 5.13 -13.57
CA TRP A 180 -1.73 4.60 -12.72
C TRP A 180 -1.85 3.14 -12.45
N VAL A 181 -3.02 2.67 -12.03
CA VAL A 181 -3.17 1.28 -11.66
C VAL A 181 -3.39 0.41 -12.91
N GLY A 182 -3.39 1.08 -14.06
CA GLY A 182 -3.63 0.48 -15.37
C GLY A 182 -4.87 -0.38 -15.60
N THR A 183 -6.06 0.06 -15.17
CA THR A 183 -7.38 -0.53 -15.56
C THR A 183 -8.51 0.32 -15.01
N LYS A 184 -9.71 0.14 -15.60
CA LYS A 184 -10.96 0.66 -15.02
C LYS A 184 -11.05 0.20 -13.56
N VAL A 185 -11.36 1.18 -12.71
CA VAL A 185 -11.55 1.00 -11.30
C VAL A 185 -12.91 1.61 -11.10
N PRO A 186 -13.73 0.98 -10.26
CA PRO A 186 -15.03 1.59 -10.03
C PRO A 186 -14.92 3.05 -9.58
N HIS A 187 -15.82 3.88 -10.07
CA HIS A 187 -15.94 5.27 -9.65
C HIS A 187 -16.98 5.32 -8.59
N GLY A 188 -16.77 6.18 -7.60
CA GLY A 188 -17.69 6.34 -6.49
C GLY A 188 -17.75 5.20 -5.49
N LYS A 189 -18.91 5.07 -4.88
CA LYS A 189 -19.09 4.25 -3.72
C LYS A 189 -19.44 2.87 -4.16
N ILE A 190 -18.83 1.89 -3.51
CA ILE A 190 -19.09 0.49 -3.76
C ILE A 190 -19.70 0.07 -2.48
N ASN A 191 -20.75 -0.71 -2.57
CA ASN A 191 -21.29 -1.30 -1.37
C ASN A 191 -20.89 -2.74 -1.40
N GLU A 192 -20.39 -3.20 -0.27
CA GLU A 192 -20.19 -4.61 0.03
C GLU A 192 -20.56 -4.76 1.48
N ASP A 193 -21.16 -5.90 1.82
CA ASP A 193 -21.46 -6.31 3.21
C ASP A 193 -21.59 -5.20 4.24
N GLY A 194 -22.50 -4.27 4.00
CA GLY A 194 -22.80 -3.20 4.95
C GLY A 194 -21.99 -1.90 4.80
N PHE A 195 -20.89 -1.97 4.02
CA PHE A 195 -19.99 -0.82 3.82
C PHE A 195 -20.18 -0.15 2.45
N ASP A 196 -20.22 1.18 2.46
CA ASP A 196 -19.84 1.96 1.28
C ASP A 196 -18.36 2.31 1.41
N TYR A 197 -17.66 2.27 0.29
CA TYR A 197 -16.24 2.61 0.28
C TYR A 197 -15.84 2.99 -1.13
N GLU A 198 -14.75 3.75 -1.25
CA GLU A 198 -14.43 4.34 -2.52
C GLU A 198 -12.90 4.27 -2.71
N PHE A 199 -12.37 4.12 -3.93
CA PHE A 199 -10.92 4.07 -4.14
C PHE A 199 -10.42 5.44 -4.45
N GLU A 200 -9.35 5.89 -3.77
CA GLU A 200 -8.72 7.17 -4.08
C GLU A 200 -7.21 7.06 -4.24
N MET A 201 -6.67 8.04 -4.93
CA MET A 201 -5.25 8.21 -5.08
C MET A 201 -4.82 9.60 -4.82
N TRP A 202 -3.90 9.71 -3.87
CA TRP A 202 -3.40 11.04 -3.40
C TRP A 202 -1.92 11.15 -3.69
N THR A 203 -1.48 12.34 -4.06
CA THR A 203 -0.06 12.51 -4.35
C THR A 203 0.44 13.75 -3.74
N ARG A 204 1.77 13.81 -3.61
CA ARG A 204 2.40 14.99 -3.17
C ARG A 204 3.65 15.23 -3.98
N ASP A 205 4.08 16.48 -3.94
CA ASP A 205 5.23 16.90 -4.78
C ASP A 205 6.46 16.41 -4.08
N LEU A 206 7.44 15.93 -4.83
CA LEU A 206 8.66 15.59 -4.13
C LEU A 206 9.65 16.76 -4.00
PA NDP B . 3.39 -2.94 11.75
O1A NDP B . 2.87 -3.95 10.81
O2A NDP B . 3.96 -1.61 11.30
O5B NDP B . 4.58 -3.68 12.49
C5B NDP B . 5.35 -3.02 13.54
C4B NDP B . 6.69 -3.62 13.66
O4B NDP B . 7.40 -3.67 12.36
C3B NDP B . 7.59 -2.89 14.58
O3B NDP B . 7.52 -3.43 15.92
C2B NDP B . 8.95 -3.32 13.97
O2B NDP B . 9.24 -4.71 14.17
C1B NDP B . 8.70 -3.18 12.48
N9A NDP B . 8.73 -1.78 11.99
C8A NDP B . 7.71 -1.00 11.60
N7A NDP B . 8.21 0.22 11.18
C5A NDP B . 9.54 0.14 11.29
C6A NDP B . 10.56 1.04 11.01
N6A NDP B . 10.29 2.29 10.54
N1A NDP B . 11.83 0.61 11.24
C2A NDP B . 12.10 -0.61 11.73
N3A NDP B . 11.15 -1.50 12.01
C4A NDP B . 9.87 -1.12 11.83
O3 NDP B . 2.35 -2.76 12.94
PN NDP B . 1.40 -1.76 13.52
O1N NDP B . 1.94 -0.38 13.63
O2N NDP B . 0.94 -2.36 14.82
O5D NDP B . 0.16 -1.93 12.60
C5D NDP B . -0.45 -3.30 12.44
C4D NDP B . -1.95 -3.07 12.37
O4D NDP B . -2.15 -2.45 11.06
C3D NDP B . -3.00 -4.21 12.43
O3D NDP B . -4.27 -3.66 12.94
C2D NDP B . -3.17 -4.56 10.99
O2D NDP B . -4.38 -5.32 10.81
C1D NDP B . -3.34 -3.11 10.46
N1N NDP B . -3.18 -2.96 9.01
C2N NDP B . -4.17 -2.33 8.23
C3N NDP B . -4.02 -2.16 6.86
C7N NDP B . -5.07 -1.46 6.02
O7N NDP B . -4.92 -1.30 4.83
N7N NDP B . -6.23 -1.12 6.61
C4N NDP B . -2.73 -2.66 6.17
C5N NDP B . -1.87 -3.36 7.03
C6N NDP B . -2.04 -3.47 8.40
P2B NDP B . 10.28 -5.27 15.32
O1X NDP B . 11.58 -4.53 15.29
O2X NDP B . 10.44 -6.77 14.79
O3X NDP B . 9.29 -5.04 16.56
N1 D2R C . -4.24 -1.95 1.64
C2 D2R C . -5.51 -2.16 1.26
N3 D2R C . -6.13 -3.33 1.48
C4 D2R C . -5.46 -4.33 2.05
C5 D2R C . -4.12 -4.17 2.52
C6 D2R C . -3.52 -2.86 2.31
CAA D2R C . -3.16 -7.18 8.82
CAB D2R C . -2.01 -5.29 3.69
NAC D2R C . -6.20 -1.19 0.63
NAD D2R C . -2.27 -2.57 2.69
OAE D2R C . -2.92 -9.90 -1.82
OAF D2R C . -2.59 -11.99 -2.47
CAG D2R C . -5.22 -10.73 2.71
CAH D2R C . -5.10 -10.18 3.79
CAI D2R C . -5.50 -9.38 7.42
CAJ D2R C . -5.63 -10.04 6.20
CAK D2R C . -5.47 -6.52 2.79
CAL D2R C . -4.06 -7.70 6.34
CAM D2R C . -5.40 -11.46 1.44
CAN D2R C . -4.58 -10.74 0.38
CAO D2R C . -4.14 -11.69 -0.72
CAP D2R C . -3.53 -7.77 3.92
NAQ D2R C . -6.11 -5.49 2.20
OAT D2R C . -4.54 -7.55 8.67
CAU D2R C . -3.14 -11.14 -1.74
CAX D2R C . -3.45 -5.28 3.13
CAY D2R C . -4.70 -8.22 7.49
CAZ D2R C . -4.98 -9.52 5.06
CBA D2R C . -4.16 -6.48 3.28
CBB D2R C . -4.23 -8.33 5.13
#